data_1V4X
#
_entry.id   1V4X
#
_cell.length_a   56.979
_cell.length_b   60.537
_cell.length_c   80.640
_cell.angle_alpha   90.00
_cell.angle_beta   95.12
_cell.angle_gamma   90.00
#
_symmetry.space_group_name_H-M   'P 1 21 1'
#
loop_
_entity.id
_entity.type
_entity.pdbx_description
1 polymer 'hemoglobin alpha chain'
2 polymer 'hemoglobin beta chain'
3 non-polymer 'PROTOPORPHYRIN IX CONTAINING FE'
4 water water
#
loop_
_entity_poly.entity_id
_entity_poly.type
_entity_poly.pdbx_seq_one_letter_code
_entity_poly.pdbx_strand_id
1 'polypeptide(L)'
;(ACE)TTLSDKDKSTVKALWGKISKSADAIGADALGRMLAVYPQTKTYFSHWPDMSPGSGPVKAHGKKVMGGVALAVSKI
DDLTTGLGDLSELHAFKMRVDPSNFKILSHCILVVVAKMFPKEFTPDAHVSLDKFLASVALALAERYR
;
A,C
2 'polypeptide(L)'
;VEWTQQERSIIAGIFANLNYEDIGPKALARCLIVYPWTQRYFGAYGDLSTPDAIKGNAKIAAHGVKVLHGLDRAVKNMDN
INEAYSELSVLHSDKLHVDPDNFRILGDCLTVVIAANLGDAFTVETQCAFQKFLAVVVFALGRKYH
;
B,D
#
# COMPACT_ATOMS: atom_id res chain seq x y z
N THR A 2 10.83 -9.20 4.72
CA THR A 2 11.64 -10.35 4.28
C THR A 2 12.79 -10.58 5.27
N THR A 3 13.52 -11.69 5.10
CA THR A 3 14.51 -12.10 6.12
C THR A 3 15.62 -11.06 6.19
N LEU A 4 16.01 -10.68 7.39
CA LEU A 4 17.18 -9.82 7.52
C LEU A 4 18.45 -10.61 7.44
N SER A 5 19.37 -10.18 6.57
CA SER A 5 20.69 -10.78 6.45
C SER A 5 21.61 -10.41 7.63
N ASP A 6 22.75 -11.09 7.79
CA ASP A 6 23.70 -10.68 8.84
C ASP A 6 24.19 -9.25 8.63
N LYS A 7 24.51 -8.87 7.39
CA LYS A 7 24.79 -7.46 7.04
C LYS A 7 23.64 -6.54 7.57
N ASP A 8 22.37 -6.86 7.29
CA ASP A 8 21.29 -5.96 7.75
C ASP A 8 21.36 -5.84 9.26
N LYS A 9 21.61 -6.96 9.93
CA LYS A 9 21.47 -6.95 11.43
C LYS A 9 22.64 -6.12 11.99
N SER A 10 23.85 -6.27 11.46
CA SER A 10 24.92 -5.49 12.03
C SER A 10 24.88 -4.03 11.59
N THR A 11 24.36 -3.79 10.41
CA THR A 11 24.06 -2.43 9.99
C THR A 11 23.06 -1.70 10.93
N VAL A 12 21.93 -2.36 11.26
CA VAL A 12 20.91 -1.80 12.10
C VAL A 12 21.48 -1.60 13.55
N LYS A 13 22.27 -2.57 14.00
CA LYS A 13 22.79 -2.47 15.37
C LYS A 13 23.77 -1.31 15.51
N ALA A 14 24.64 -1.14 14.52
CA ALA A 14 25.62 -0.06 14.50
C ALA A 14 24.93 1.32 14.41
N LEU A 15 23.94 1.46 13.54
CA LEU A 15 23.13 2.66 13.48
C LEU A 15 22.36 2.90 14.80
N TRP A 16 21.73 1.86 15.33
CA TRP A 16 21.08 1.98 16.63
C TRP A 16 22.06 2.46 17.71
N GLY A 17 23.27 1.92 17.72
CA GLY A 17 24.33 2.41 18.63
C GLY A 17 24.56 3.93 18.54
N LYS A 18 24.45 4.50 17.33
CA LYS A 18 24.59 5.96 17.12
C LYS A 18 23.36 6.79 17.47
N ILE A 19 22.16 6.27 17.23
CA ILE A 19 20.96 7.07 17.39
C ILE A 19 20.14 6.81 18.67
N SER A 20 20.43 5.71 19.36
CA SER A 20 19.61 5.21 20.49
C SER A 20 19.55 6.20 21.63
N LYS A 21 20.58 7.04 21.75
CA LYS A 21 20.69 8.07 22.77
C LYS A 21 19.61 9.15 22.57
N SER A 22 19.08 9.22 21.36
CA SER A 22 18.07 10.21 21.01
C SER A 22 16.73 9.54 20.74
N ALA A 23 16.56 8.30 21.24
CA ALA A 23 15.35 7.53 21.00
C ALA A 23 14.10 8.35 21.37
N ASP A 24 14.12 9.04 22.51
CA ASP A 24 12.92 9.79 22.92
C ASP A 24 12.53 10.90 21.90
N ALA A 25 13.53 11.66 21.45
CA ALA A 25 13.31 12.77 20.50
C ALA A 25 12.95 12.26 19.12
N ILE A 26 13.59 11.17 18.65
CA ILE A 26 13.14 10.54 17.38
C ILE A 26 11.67 10.12 17.45
N GLY A 27 11.28 9.44 18.51
CA GLY A 27 9.90 8.97 18.66
C GLY A 27 8.88 10.10 18.68
N ALA A 28 9.15 11.13 19.48
CA ALA A 28 8.26 12.29 19.53
C ALA A 28 8.07 12.95 18.16
N ASP A 29 9.18 13.15 17.44
CA ASP A 29 9.15 13.85 16.18
C ASP A 29 8.48 12.97 15.10
N ALA A 30 8.80 11.68 15.12
CA ALA A 30 8.24 10.77 14.12
C ALA A 30 6.77 10.63 14.35
N LEU A 31 6.33 10.54 15.61
CA LEU A 31 4.89 10.42 15.83
C LEU A 31 4.17 11.71 15.44
N GLY A 32 4.73 12.84 15.85
CA GLY A 32 4.11 14.11 15.52
C GLY A 32 4.01 14.28 14.00
N ARG A 33 5.04 13.84 13.24
CA ARG A 33 4.98 13.93 11.79
C ARG A 33 4.01 12.96 11.14
N MET A 34 3.91 11.75 11.72
CA MET A 34 2.89 10.74 11.30
C MET A 34 1.46 11.30 11.41
N LEU A 35 1.09 11.77 12.60
CA LEU A 35 -0.18 12.47 12.83
C LEU A 35 -0.48 13.62 11.88
N ALA A 36 0.49 14.50 11.64
CA ALA A 36 0.23 15.73 10.91
C ALA A 36 0.28 15.48 9.41
N VAL A 37 1.28 14.74 8.96
CA VAL A 37 1.49 14.49 7.53
C VAL A 37 0.53 13.44 6.97
N TYR A 38 0.13 12.50 7.82
CA TYR A 38 -0.80 11.45 7.44
C TYR A 38 -1.93 11.40 8.48
N PRO A 39 -2.83 12.40 8.46
CA PRO A 39 -3.91 12.49 9.48
C PRO A 39 -4.90 11.34 9.56
N GLN A 40 -4.93 10.42 8.58
CA GLN A 40 -5.55 9.09 8.78
C GLN A 40 -5.15 8.44 10.12
N THR A 41 -3.88 8.57 10.53
CA THR A 41 -3.42 7.93 11.77
C THR A 41 -3.98 8.56 13.08
N LYS A 42 -4.55 9.76 12.99
CA LYS A 42 -5.09 10.49 14.16
C LYS A 42 -6.26 9.74 14.74
N THR A 43 -6.82 8.86 13.92
CA THR A 43 -8.03 8.13 14.31
C THR A 43 -7.82 7.18 15.48
N TYR A 44 -6.55 6.79 15.71
CA TYR A 44 -6.21 5.97 16.87
C TYR A 44 -5.89 6.81 18.13
N PHE A 45 -5.89 8.14 18.00
CA PHE A 45 -5.44 9.03 19.10
C PHE A 45 -6.45 10.08 19.58
N SER A 46 -7.73 9.88 19.26
CA SER A 46 -8.79 10.85 19.56
C SER A 46 -8.99 11.05 21.07
N HIS A 47 -8.44 10.16 21.89
CA HIS A 47 -8.58 10.29 23.36
C HIS A 47 -7.75 11.45 23.88
N TRP A 48 -6.84 11.94 23.04
CA TRP A 48 -5.87 12.99 23.38
C TRP A 48 -6.30 14.42 23.00
N PRO A 49 -6.15 15.36 23.93
CA PRO A 49 -6.52 16.76 23.68
C PRO A 49 -5.80 17.33 22.45
N ASP A 50 -4.49 17.11 22.39
CA ASP A 50 -3.58 17.89 21.55
C ASP A 50 -2.62 16.95 20.83
N MET A 51 -2.77 16.81 19.52
CA MET A 51 -1.94 15.88 18.74
C MET A 51 -0.84 16.63 18.04
N SER A 52 -0.71 17.93 18.35
CA SER A 52 0.27 18.79 17.66
C SER A 52 1.71 18.40 17.94
N PRO A 53 2.64 18.73 17.04
CA PRO A 53 4.06 18.35 17.23
C PRO A 53 4.59 18.84 18.58
N GLY A 54 5.23 17.97 19.36
CA GLY A 54 5.81 18.38 20.64
C GLY A 54 4.87 18.50 21.84
N SER A 55 3.59 18.16 21.66
CA SER A 55 2.65 18.11 22.77
C SER A 55 2.99 16.99 23.78
N GLY A 56 2.45 17.14 25.00
CA GLY A 56 2.68 16.18 26.05
C GLY A 56 2.38 14.74 25.66
N PRO A 57 1.15 14.45 25.21
CA PRO A 57 0.79 13.09 24.79
C PRO A 57 1.66 12.60 23.62
N VAL A 58 2.00 13.48 22.68
CA VAL A 58 2.81 13.07 21.53
C VAL A 58 4.21 12.69 21.99
N LYS A 59 4.83 13.52 22.83
CA LYS A 59 6.15 13.16 23.38
C LYS A 59 6.04 11.85 24.14
N ALA A 60 4.98 11.69 24.94
CA ALA A 60 4.87 10.53 25.84
C ALA A 60 4.76 9.24 25.01
N HIS A 61 3.93 9.29 23.98
CA HIS A 61 3.76 8.16 23.11
C HIS A 61 4.89 7.87 22.13
N GLY A 62 5.50 8.92 21.60
CA GLY A 62 6.70 8.77 20.78
C GLY A 62 7.76 7.99 21.54
N LYS A 63 7.93 8.33 22.82
CA LYS A 63 8.88 7.63 23.70
C LYS A 63 8.57 6.12 23.86
N LYS A 64 7.29 5.80 24.06
CA LYS A 64 6.83 4.42 24.12
C LYS A 64 7.11 3.64 22.85
N VAL A 65 6.82 4.25 21.70
CA VAL A 65 7.02 3.59 20.41
C VAL A 65 8.47 3.25 20.18
N MET A 66 9.33 4.25 20.40
CA MET A 66 10.75 4.08 20.21
C MET A 66 11.37 3.02 21.18
N GLY A 67 10.81 2.92 22.38
CA GLY A 67 11.11 1.84 23.31
C GLY A 67 10.78 0.48 22.68
N GLY A 68 9.65 0.44 21.95
CA GLY A 68 9.33 -0.72 21.14
C GLY A 68 10.37 -1.01 20.06
N VAL A 69 10.87 0.03 19.38
CA VAL A 69 11.92 -0.11 18.39
C VAL A 69 13.25 -0.58 19.00
N ALA A 70 13.63 0.02 20.13
CA ALA A 70 14.74 -0.50 20.95
C ALA A 70 14.62 -1.98 21.27
N LEU A 71 13.44 -2.40 21.71
CA LEU A 71 13.24 -3.81 21.99
C LEU A 71 13.46 -4.62 20.72
N ALA A 72 12.83 -4.20 19.64
CA ALA A 72 13.04 -4.85 18.35
C ALA A 72 14.54 -5.02 17.94
N VAL A 73 15.37 -3.99 18.14
CA VAL A 73 16.80 -4.09 17.81
C VAL A 73 17.44 -5.17 18.68
N SER A 74 17.05 -5.22 19.97
CA SER A 74 17.59 -6.24 20.88
C SER A 74 17.11 -7.67 20.53
N LYS A 75 15.88 -7.76 20.01
CA LYS A 75 15.26 -9.00 19.60
C LYS A 75 15.33 -9.28 18.11
N ILE A 76 16.29 -8.65 17.45
CA ILE A 76 16.41 -8.68 16.00
C ILE A 76 16.56 -10.11 15.41
N ASP A 77 17.23 -11.04 16.12
CA ASP A 77 17.33 -12.41 15.64
C ASP A 77 16.01 -13.14 15.58
N ASP A 78 15.06 -12.69 16.38
CA ASP A 78 13.73 -13.32 16.40
C ASP A 78 12.64 -12.29 16.81
N LEU A 79 12.28 -11.48 15.83
CA LEU A 79 11.29 -10.42 15.98
C LEU A 79 9.90 -11.00 16.20
N THR A 80 9.63 -12.17 15.64
CA THR A 80 8.29 -12.81 15.89
C THR A 80 8.04 -13.06 17.37
N THR A 81 8.98 -13.72 18.04
CA THR A 81 8.75 -14.02 19.45
C THR A 81 8.92 -12.72 20.23
N GLY A 82 9.95 -11.96 19.88
CA GLY A 82 10.29 -10.75 20.62
C GLY A 82 9.14 -9.76 20.76
N LEU A 83 8.34 -9.61 19.70
CA LEU A 83 7.32 -8.58 19.68
C LEU A 83 5.91 -9.19 19.81
N GLY A 84 5.87 -10.48 20.18
CA GLY A 84 4.60 -11.21 20.32
C GLY A 84 3.61 -10.52 21.24
N ASP A 85 4.08 -10.09 22.42
CA ASP A 85 3.20 -9.37 23.34
C ASP A 85 2.74 -8.02 22.76
N LEU A 86 3.64 -7.31 22.10
CA LEU A 86 3.25 -6.04 21.52
C LEU A 86 2.27 -6.20 20.34
N SER A 87 2.43 -7.28 19.60
CA SER A 87 1.52 -7.63 18.51
C SER A 87 0.13 -7.88 19.06
N GLU A 88 0.10 -8.62 20.16
CA GLU A 88 -1.15 -8.96 20.86
C GLU A 88 -1.87 -7.70 21.24
N LEU A 89 -1.12 -6.74 21.78
CA LEU A 89 -1.71 -5.47 22.19
C LEU A 89 -2.27 -4.65 21.02
N HIS A 90 -1.49 -4.51 19.95
CA HIS A 90 -1.95 -3.80 18.76
C HIS A 90 -3.13 -4.54 18.09
N ALA A 91 -3.11 -5.87 18.13
CA ALA A 91 -4.14 -6.72 17.50
C ALA A 91 -5.53 -6.60 18.17
N PHE A 92 -5.55 -6.64 19.49
CA PHE A 92 -6.78 -6.88 20.23
C PHE A 92 -7.24 -5.70 21.10
N LYS A 93 -6.31 -4.81 21.47
CA LYS A 93 -6.68 -3.62 22.20
C LYS A 93 -6.93 -2.41 21.32
N MET A 94 -5.87 -1.86 20.74
CA MET A 94 -6.00 -0.68 19.91
C MET A 94 -6.52 -1.02 18.50
N ARG A 95 -6.24 -2.24 18.04
CA ARG A 95 -6.64 -2.75 16.69
C ARG A 95 -6.25 -1.78 15.57
N VAL A 96 -4.98 -1.43 15.58
CA VAL A 96 -4.40 -0.57 14.56
C VAL A 96 -4.33 -1.33 13.23
N ASP A 97 -5.07 -0.84 12.23
CA ASP A 97 -4.88 -1.33 10.87
C ASP A 97 -3.37 -1.38 10.54
N PRO A 98 -2.82 -2.58 10.24
CA PRO A 98 -1.39 -2.70 9.99
C PRO A 98 -0.83 -1.82 8.88
N SER A 99 -1.68 -1.29 8.01
CA SER A 99 -1.27 -0.32 6.99
C SER A 99 -0.59 0.92 7.61
N ASN A 100 -0.98 1.27 8.84
CA ASN A 100 -0.33 2.36 9.58
C ASN A 100 1.13 2.16 10.00
N PHE A 101 1.54 0.91 10.15
CA PHE A 101 2.90 0.56 10.53
C PHE A 101 3.92 1.08 9.51
N LYS A 102 3.58 0.87 8.23
CA LYS A 102 4.41 1.39 7.12
C LYS A 102 4.56 2.90 7.15
N ILE A 103 3.49 3.59 7.51
CA ILE A 103 3.49 5.03 7.54
C ILE A 103 4.46 5.55 8.62
N LEU A 104 4.37 4.98 9.82
CA LEU A 104 5.22 5.40 10.93
C LEU A 104 6.65 5.02 10.58
N SER A 105 6.84 3.84 9.96
CA SER A 105 8.18 3.43 9.57
C SER A 105 8.76 4.49 8.67
N HIS A 106 7.99 4.91 7.68
CA HIS A 106 8.49 6.01 6.79
C HIS A 106 8.80 7.26 7.62
N CYS A 107 7.93 7.65 8.56
CA CYS A 107 8.23 8.84 9.37
C CYS A 107 9.49 8.70 10.25
N ILE A 108 9.73 7.49 10.76
CA ILE A 108 10.93 7.25 11.57
C ILE A 108 12.16 7.46 10.63
N LEU A 109 12.12 6.93 9.40
CA LEU A 109 13.31 7.08 8.48
C LEU A 109 13.55 8.54 8.14
N VAL A 110 12.48 9.26 7.85
CA VAL A 110 12.61 10.70 7.62
C VAL A 110 13.23 11.45 8.84
N VAL A 111 12.77 11.11 10.06
CA VAL A 111 13.36 11.76 11.24
C VAL A 111 14.80 11.35 11.50
N VAL A 112 15.14 10.08 11.26
CA VAL A 112 16.55 9.64 11.35
C VAL A 112 17.41 10.42 10.33
N ALA A 113 16.93 10.62 9.11
CA ALA A 113 17.75 11.31 8.09
C ALA A 113 17.91 12.80 8.53
N LYS A 114 16.84 13.41 9.04
CA LYS A 114 16.87 14.79 9.55
C LYS A 114 17.85 14.99 10.72
N MET A 115 17.87 14.02 11.63
CA MET A 115 18.67 14.18 12.86
C MET A 115 20.09 13.66 12.76
N PHE A 116 20.31 12.74 11.84
CA PHE A 116 21.56 12.03 11.69
C PHE A 116 21.92 11.94 10.22
N PRO A 117 22.05 13.08 9.55
CA PRO A 117 22.20 13.09 8.08
C PRO A 117 23.48 12.41 7.61
N LYS A 118 24.56 12.52 8.37
CA LYS A 118 25.83 11.88 8.01
C LYS A 118 25.82 10.35 8.13
N GLU A 119 25.15 9.85 9.15
CA GLU A 119 25.13 8.44 9.43
C GLU A 119 24.10 7.73 8.54
N PHE A 120 23.09 8.46 8.08
CA PHE A 120 21.98 7.80 7.38
C PHE A 120 22.24 7.76 5.88
N THR A 121 23.25 6.96 5.51
CA THR A 121 23.61 6.73 4.11
C THR A 121 22.55 5.85 3.50
N PRO A 122 22.53 5.74 2.19
CA PRO A 122 21.61 4.78 1.55
C PRO A 122 21.75 3.33 2.09
N ASP A 123 22.97 2.88 2.34
CA ASP A 123 23.24 1.55 2.91
C ASP A 123 22.65 1.37 4.28
N ALA A 124 22.75 2.41 5.12
CA ALA A 124 22.08 2.35 6.41
C ALA A 124 20.55 2.26 6.19
N HIS A 125 20.09 3.06 5.23
CA HIS A 125 18.65 3.28 4.95
C HIS A 125 18.05 1.95 4.49
N VAL A 126 18.74 1.24 3.59
CA VAL A 126 18.14 0.01 3.03
C VAL A 126 17.92 -1.00 4.17
N SER A 127 18.92 -1.11 5.05
CA SER A 127 18.81 -2.09 6.12
C SER A 127 17.81 -1.69 7.18
N LEU A 128 17.79 -0.40 7.53
CA LEU A 128 16.78 0.05 8.50
C LEU A 128 15.39 -0.08 7.91
N ASP A 129 15.25 0.17 6.61
CA ASP A 129 13.91 0.04 6.01
C ASP A 129 13.40 -1.42 6.10
N LYS A 130 14.31 -2.36 5.79
CA LYS A 130 14.04 -3.78 5.83
C LYS A 130 13.73 -4.12 7.28
N PHE A 131 14.54 -3.62 8.20
CA PHE A 131 14.25 -3.87 9.65
C PHE A 131 12.85 -3.39 10.12
N LEU A 132 12.46 -2.18 9.75
CA LEU A 132 11.17 -1.65 10.17
C LEU A 132 10.00 -2.42 9.50
N ALA A 133 10.24 -2.95 8.30
CA ALA A 133 9.24 -3.78 7.63
C ALA A 133 9.08 -5.13 8.40
N SER A 134 10.21 -5.66 8.89
CA SER A 134 10.19 -6.86 9.74
C SER A 134 9.50 -6.57 11.05
N VAL A 135 9.76 -5.39 11.62
CA VAL A 135 9.03 -4.97 12.79
C VAL A 135 7.49 -4.94 12.58
N ALA A 136 7.08 -4.29 11.49
CA ALA A 136 5.69 -4.16 11.09
C ALA A 136 5.06 -5.54 10.92
N LEU A 137 5.80 -6.44 10.26
CA LEU A 137 5.29 -7.79 10.06
C LEU A 137 5.17 -8.50 11.39
N ALA A 138 6.19 -8.35 12.26
CA ALA A 138 6.08 -8.95 13.59
C ALA A 138 4.89 -8.39 14.37
N LEU A 139 4.66 -7.08 14.32
CA LEU A 139 3.50 -6.49 14.98
C LEU A 139 2.15 -7.01 14.42
N ALA A 140 2.10 -7.26 13.11
CA ALA A 140 0.87 -7.76 12.48
C ALA A 140 0.54 -9.22 12.78
N GLU A 141 1.47 -9.94 13.41
CA GLU A 141 1.42 -11.39 13.46
C GLU A 141 0.10 -11.87 14.09
N ARG A 142 -0.36 -11.21 15.15
CA ARG A 142 -1.50 -11.74 15.95
C ARG A 142 -2.88 -11.26 15.49
N TYR A 143 -2.91 -10.51 14.39
CA TYR A 143 -4.14 -9.84 13.98
C TYR A 143 -5.18 -10.80 13.46
N ARG A 144 -4.72 -11.82 12.74
CA ARG A 144 -5.61 -12.85 12.17
C ARG A 144 -4.84 -14.09 11.77
N VAL B 1 -6.49 19.76 -6.13
CA VAL B 1 -6.59 19.91 -4.65
C VAL B 1 -6.72 21.37 -4.21
N GLU B 2 -6.97 21.56 -2.91
CA GLU B 2 -7.14 22.89 -2.34
C GLU B 2 -5.84 23.26 -1.65
N TRP B 3 -5.04 24.14 -2.26
CA TRP B 3 -3.78 24.60 -1.67
C TRP B 3 -4.03 25.73 -0.70
N THR B 4 -3.20 25.86 0.34
CA THR B 4 -3.20 27.05 1.20
C THR B 4 -2.06 27.92 0.71
N GLN B 5 -2.08 29.23 1.00
CA GLN B 5 -0.95 30.10 0.66
C GLN B 5 0.37 29.62 1.28
N GLN B 6 0.30 29.09 2.50
CA GLN B 6 1.52 28.60 3.14
C GLN B 6 2.15 27.43 2.32
N GLU B 7 1.34 26.47 1.93
CA GLU B 7 1.84 25.36 1.07
C GLU B 7 2.47 25.86 -0.21
N ARG B 8 1.81 26.80 -0.89
CA ARG B 8 2.43 27.42 -2.07
C ARG B 8 3.80 28.01 -1.78
N SER B 9 3.95 28.74 -0.66
CA SER B 9 5.20 29.48 -0.39
C SER B 9 6.30 28.50 -0.05
N ILE B 10 5.96 27.49 0.72
CA ILE B 10 6.94 26.46 1.11
C ILE B 10 7.48 25.69 -0.08
N ILE B 11 6.58 25.23 -0.95
CA ILE B 11 6.96 24.44 -2.11
C ILE B 11 7.82 25.34 -2.96
N ALA B 12 7.36 26.57 -3.23
CA ALA B 12 8.20 27.48 -4.02
C ALA B 12 9.56 27.72 -3.36
N GLY B 13 9.57 27.83 -2.04
CA GLY B 13 10.82 28.10 -1.31
C GLY B 13 11.82 26.94 -1.41
N ILE B 14 11.35 25.71 -1.32
CA ILE B 14 12.23 24.53 -1.43
C ILE B 14 13.03 24.49 -2.75
N PHE B 15 12.31 24.75 -3.85
CA PHE B 15 12.89 24.61 -5.18
C PHE B 15 13.66 25.83 -5.61
N ALA B 16 13.33 26.98 -5.02
CA ALA B 16 14.07 28.22 -5.32
C ALA B 16 15.50 28.12 -4.85
N ASN B 17 15.68 27.47 -3.70
CA ASN B 17 16.94 27.48 -2.94
C ASN B 17 17.83 26.26 -3.23
N LEU B 18 17.18 25.16 -3.65
CA LEU B 18 17.77 23.86 -3.97
C LEU B 18 18.99 23.83 -4.89
N ASN B 19 20.03 23.07 -4.50
CA ASN B 19 21.15 22.72 -5.41
C ASN B 19 20.77 21.43 -6.14
N TYR B 20 20.28 21.56 -7.36
CA TYR B 20 19.79 20.40 -8.09
C TYR B 20 20.87 19.36 -8.34
N GLU B 21 22.12 19.79 -8.50
CA GLU B 21 23.23 18.89 -8.82
C GLU B 21 23.66 18.07 -7.62
N ASP B 22 23.22 18.54 -6.47
CA ASP B 22 23.39 17.75 -5.24
C ASP B 22 22.16 16.88 -4.91
N ILE B 23 20.99 17.49 -4.81
CA ILE B 23 19.81 16.72 -4.33
C ILE B 23 19.35 15.64 -5.36
N GLY B 24 19.37 16.03 -6.66
CA GLY B 24 18.96 15.16 -7.75
C GLY B 24 19.64 13.81 -7.69
N PRO B 25 20.96 13.79 -7.82
CA PRO B 25 21.71 12.52 -7.76
C PRO B 25 21.47 11.77 -6.43
N LYS B 26 21.39 12.47 -5.29
CA LYS B 26 21.34 11.77 -4.01
C LYS B 26 20.01 11.02 -3.97
N ALA B 27 18.94 11.64 -4.48
CA ALA B 27 17.58 11.04 -4.35
C ALA B 27 17.51 9.82 -5.27
N LEU B 28 18.02 9.99 -6.49
CA LEU B 28 17.95 8.88 -7.43
C LEU B 28 18.90 7.75 -7.03
N ALA B 29 20.15 8.06 -6.69
CA ALA B 29 21.03 7.01 -6.16
C ALA B 29 20.45 6.25 -4.96
N ARG B 30 19.83 6.97 -4.02
CA ARG B 30 19.23 6.35 -2.82
C ARG B 30 18.13 5.43 -3.24
N CYS B 31 17.35 5.86 -4.21
CA CYS B 31 16.24 5.00 -4.67
C CYS B 31 16.77 3.73 -5.35
N LEU B 32 17.86 3.83 -6.12
CA LEU B 32 18.38 2.64 -6.79
C LEU B 32 19.02 1.66 -5.81
N ILE B 33 19.45 2.20 -4.67
CA ILE B 33 20.12 1.38 -3.64
C ILE B 33 19.07 0.76 -2.72
N VAL B 34 18.10 1.56 -2.29
CA VAL B 34 17.12 1.08 -1.29
C VAL B 34 16.05 0.17 -1.94
N TYR B 35 15.78 0.44 -3.20
CA TYR B 35 14.75 -0.24 -3.99
C TYR B 35 15.38 -0.73 -5.29
N PRO B 36 16.25 -1.76 -5.22
CA PRO B 36 17.12 -2.12 -6.38
C PRO B 36 16.37 -2.49 -7.67
N TRP B 37 15.12 -2.96 -7.52
CA TRP B 37 14.33 -3.24 -8.72
C TRP B 37 14.20 -1.98 -9.63
N THR B 38 14.29 -0.78 -9.07
CA THR B 38 14.14 0.42 -9.90
C THR B 38 15.32 0.55 -10.85
N GLN B 39 16.35 -0.30 -10.70
CA GLN B 39 17.55 -0.31 -11.57
C GLN B 39 17.23 -0.80 -12.99
N ARG B 40 16.12 -1.51 -13.14
CA ARG B 40 15.81 -2.25 -14.37
C ARG B 40 15.85 -1.33 -15.60
N TYR B 41 15.54 -0.04 -15.37
CA TYR B 41 15.35 0.92 -16.47
C TYR B 41 16.69 1.48 -16.97
N PHE B 42 17.76 1.19 -16.25
CA PHE B 42 19.03 1.91 -16.44
C PHE B 42 20.16 1.00 -16.90
N GLY B 43 19.78 -0.01 -17.67
CA GLY B 43 20.72 -0.93 -18.28
C GLY B 43 21.77 -0.26 -19.16
N ALA B 44 21.51 0.95 -19.64
CA ALA B 44 22.47 1.67 -20.48
C ALA B 44 23.25 2.66 -19.64
N TYR B 45 23.15 2.55 -18.31
CA TYR B 45 23.77 3.59 -17.48
C TYR B 45 25.05 3.10 -16.82
N GLY B 46 25.54 1.91 -17.18
CA GLY B 46 26.84 1.46 -16.70
C GLY B 46 26.76 0.86 -15.31
N ASP B 47 27.75 1.12 -14.47
CA ASP B 47 27.99 0.29 -13.30
C ASP B 47 27.04 0.71 -12.20
N LEU B 48 26.19 -0.26 -11.84
CA LEU B 48 25.21 -0.22 -10.74
C LEU B 48 25.41 -1.33 -9.73
N SER B 49 26.59 -1.91 -9.69
CA SER B 49 26.80 -3.19 -8.96
C SER B 49 26.91 -3.12 -7.39
N THR B 50 27.22 -1.94 -6.88
CA THR B 50 27.39 -1.62 -5.46
C THR B 50 26.79 -0.23 -5.15
N PRO B 51 26.48 0.03 -3.88
CA PRO B 51 26.01 1.37 -3.49
C PRO B 51 27.05 2.39 -3.93
N ASP B 52 28.34 2.09 -3.67
CA ASP B 52 29.47 2.91 -4.16
C ASP B 52 29.53 3.20 -5.68
N ALA B 53 29.36 2.17 -6.52
CA ALA B 53 29.23 2.38 -7.95
C ALA B 53 28.07 3.32 -8.27
N ILE B 54 26.93 3.11 -7.64
CA ILE B 54 25.78 3.92 -7.99
C ILE B 54 25.94 5.38 -7.60
N LYS B 55 26.42 5.62 -6.37
CA LYS B 55 26.65 6.99 -5.92
C LYS B 55 27.76 7.68 -6.74
N GLY B 56 28.66 6.90 -7.33
CA GLY B 56 29.77 7.46 -8.14
C GLY B 56 29.51 7.49 -9.65
N ASN B 57 28.32 7.10 -10.03
CA ASN B 57 27.92 6.97 -11.43
C ASN B 57 27.41 8.32 -11.99
N ALA B 58 28.21 8.93 -12.89
CA ALA B 58 27.89 10.22 -13.44
C ALA B 58 26.59 10.25 -14.27
N LYS B 59 26.25 9.14 -14.93
CA LYS B 59 25.11 9.14 -15.84
C LYS B 59 23.85 9.02 -14.98
N ILE B 60 23.95 8.23 -13.94
CA ILE B 60 22.84 8.20 -12.96
C ILE B 60 22.69 9.60 -12.35
N ALA B 61 23.79 10.25 -12.00
CA ALA B 61 23.73 11.58 -11.41
C ALA B 61 23.06 12.60 -12.36
N ALA B 62 23.49 12.64 -13.62
CA ALA B 62 22.88 13.54 -14.60
C ALA B 62 21.38 13.27 -14.68
N HIS B 63 21.02 11.99 -14.68
CA HIS B 63 19.60 11.67 -14.68
C HIS B 63 18.79 12.16 -13.44
N GLY B 64 19.39 12.04 -12.24
CA GLY B 64 18.77 12.56 -11.03
C GLY B 64 18.46 14.05 -11.11
N VAL B 65 19.42 14.77 -11.66
CA VAL B 65 19.22 16.18 -11.93
C VAL B 65 18.02 16.45 -12.87
N LYS B 66 18.02 15.73 -14.00
CA LYS B 66 16.95 15.84 -14.98
C LYS B 66 15.57 15.52 -14.36
N VAL B 67 15.48 14.47 -13.52
CA VAL B 67 14.21 14.08 -12.86
C VAL B 67 13.78 15.18 -11.92
N LEU B 68 14.74 15.70 -11.17
CA LEU B 68 14.40 16.75 -10.21
C LEU B 68 13.93 18.00 -10.92
N HIS B 69 14.63 18.39 -11.99
CA HIS B 69 14.16 19.51 -12.77
C HIS B 69 12.76 19.24 -13.36
N GLY B 70 12.46 17.96 -13.50
CA GLY B 70 11.17 17.52 -13.98
C GLY B 70 10.07 17.92 -13.03
N LEU B 71 10.39 18.25 -11.77
CA LEU B 71 9.38 18.85 -10.85
C LEU B 71 9.12 20.35 -11.08
N ASP B 72 9.98 20.98 -11.89
CA ASP B 72 9.90 22.44 -11.98
C ASP B 72 8.57 22.93 -12.51
N ARG B 73 8.02 22.24 -13.51
CA ARG B 73 6.77 22.73 -14.11
C ARG B 73 5.64 22.65 -13.06
N ALA B 74 5.66 21.64 -12.19
CA ALA B 74 4.65 21.48 -11.12
C ALA B 74 4.74 22.56 -10.04
N VAL B 75 5.97 22.94 -9.69
CA VAL B 75 6.20 23.98 -8.72
C VAL B 75 5.69 25.33 -9.30
N LYS B 76 5.96 25.53 -10.59
CA LYS B 76 5.55 26.74 -11.31
C LYS B 76 3.99 26.86 -11.41
N ASN B 77 3.32 25.79 -11.83
CA ASN B 77 1.85 25.80 -11.85
C ASN B 77 1.30 24.67 -11.02
N MET B 78 1.10 24.93 -9.73
CA MET B 78 0.57 23.94 -8.79
C MET B 78 -0.90 23.63 -9.00
N ASP B 79 -1.55 24.38 -9.88
CA ASP B 79 -3.01 24.24 -10.04
C ASP B 79 -3.41 23.39 -11.23
N ASN B 80 -2.41 23.00 -12.04
CA ASN B 80 -2.64 22.34 -13.32
C ASN B 80 -1.73 21.12 -13.49
N ILE B 81 -1.37 20.52 -12.37
CA ILE B 81 -0.36 19.45 -12.44
C ILE B 81 -0.79 18.27 -13.31
N ASN B 82 -2.05 17.83 -13.20
CA ASN B 82 -2.57 16.77 -14.08
C ASN B 82 -2.29 17.09 -15.58
N GLU B 83 -2.77 18.23 -16.00
CA GLU B 83 -2.61 18.68 -17.40
C GLU B 83 -1.14 18.82 -17.75
N ALA B 84 -0.37 19.45 -16.89
CA ALA B 84 1.04 19.74 -17.21
C ALA B 84 1.89 18.48 -17.47
N TYR B 85 1.57 17.42 -16.72
CA TYR B 85 2.31 16.17 -16.69
C TYR B 85 1.74 15.07 -17.55
N SER B 86 0.75 15.44 -18.35
CA SER B 86 0.12 14.56 -19.32
C SER B 86 1.10 13.85 -20.21
N GLU B 87 1.97 14.61 -20.88
CA GLU B 87 2.92 14.10 -21.87
C GLU B 87 4.02 13.29 -21.21
N LEU B 88 4.44 13.72 -20.03
CA LEU B 88 5.42 12.97 -19.24
C LEU B 88 4.86 11.62 -18.77
N SER B 89 3.59 11.60 -18.40
CA SER B 89 2.95 10.36 -18.00
C SER B 89 2.92 9.35 -19.17
N VAL B 90 2.56 9.86 -20.37
CA VAL B 90 2.54 9.04 -21.58
C VAL B 90 3.93 8.53 -21.90
N LEU B 91 4.94 9.39 -21.81
CA LEU B 91 6.30 8.93 -22.01
C LEU B 91 6.69 7.75 -21.08
N HIS B 92 6.38 7.91 -19.77
CA HIS B 92 6.78 6.91 -18.77
C HIS B 92 6.01 5.61 -18.94
N SER B 93 4.75 5.72 -19.33
CA SER B 93 3.94 4.54 -19.61
C SER B 93 4.37 3.83 -20.90
N ASP B 94 4.15 4.48 -22.03
CA ASP B 94 4.25 3.83 -23.35
C ASP B 94 5.67 3.60 -23.88
N LYS B 95 6.55 4.55 -23.57
CA LYS B 95 7.92 4.42 -24.08
C LYS B 95 8.86 3.74 -23.09
N LEU B 96 8.78 4.12 -21.80
CA LEU B 96 9.79 3.73 -20.82
C LEU B 96 9.29 2.55 -19.96
N HIS B 97 7.98 2.35 -19.95
CA HIS B 97 7.38 1.22 -19.16
C HIS B 97 7.74 1.27 -17.66
N VAL B 98 7.75 2.51 -17.11
CA VAL B 98 8.17 2.66 -15.74
C VAL B 98 6.91 2.35 -14.88
N ASP B 99 7.07 1.42 -13.94
CA ASP B 99 5.97 1.12 -12.98
C ASP B 99 5.73 2.39 -12.13
N PRO B 100 4.50 2.95 -12.17
CA PRO B 100 4.24 4.22 -11.49
C PRO B 100 4.36 4.11 -9.98
N ASP B 101 4.31 2.89 -9.44
CA ASP B 101 4.63 2.75 -8.03
C ASP B 101 6.06 3.26 -7.72
N ASN B 102 6.96 3.21 -8.70
CA ASN B 102 8.33 3.72 -8.46
C ASN B 102 8.35 5.26 -8.22
N PHE B 103 7.39 5.97 -8.82
CA PHE B 103 7.30 7.42 -8.58
C PHE B 103 7.12 7.72 -7.07
N ARG B 104 6.18 7.03 -6.44
CA ARG B 104 5.96 7.11 -5.01
C ARG B 104 7.25 6.84 -4.20
N ILE B 105 7.95 5.74 -4.48
CA ILE B 105 9.16 5.44 -3.75
C ILE B 105 10.34 6.40 -4.01
N LEU B 106 10.46 6.89 -5.23
CA LEU B 106 11.42 7.97 -5.49
C LEU B 106 11.05 9.20 -4.66
N GLY B 107 9.74 9.46 -4.57
CA GLY B 107 9.22 10.55 -3.74
C GLY B 107 9.60 10.42 -2.27
N ASP B 108 9.43 9.24 -1.68
CA ASP B 108 9.94 8.93 -0.36
C ASP B 108 11.45 9.13 -0.20
N CYS B 109 12.25 8.77 -1.20
CA CYS B 109 13.71 8.92 -1.10
C CYS B 109 14.09 10.38 -1.19
N LEU B 110 13.37 11.13 -2.02
CA LEU B 110 13.57 12.57 -2.17
C LEU B 110 13.28 13.27 -0.85
N THR B 111 12.20 12.85 -0.20
CA THR B 111 11.88 13.43 1.11
C THR B 111 12.99 13.19 2.13
N VAL B 112 13.51 11.96 2.18
CA VAL B 112 14.64 11.63 3.03
C VAL B 112 15.83 12.54 2.69
N VAL B 113 16.16 12.70 1.39
CA VAL B 113 17.32 13.53 1.00
C VAL B 113 17.14 15.01 1.46
N ILE B 114 15.93 15.56 1.25
CA ILE B 114 15.67 16.97 1.63
C ILE B 114 15.68 17.14 3.14
N ALA B 115 15.05 16.23 3.88
CA ALA B 115 15.11 16.26 5.33
C ALA B 115 16.54 16.26 5.87
N ALA B 116 17.39 15.41 5.32
CA ALA B 116 18.79 15.30 5.74
C ALA B 116 19.50 16.60 5.41
N ASN B 117 19.14 17.20 4.27
CA ASN B 117 19.74 18.48 3.85
C ASN B 117 19.34 19.70 4.64
N LEU B 118 18.06 19.78 5.06
CA LEU B 118 17.52 20.99 5.67
C LEU B 118 17.52 20.94 7.24
N GLY B 119 17.67 19.75 7.82
CA GLY B 119 17.68 19.59 9.25
C GLY B 119 16.49 20.26 9.88
N ASP B 120 16.76 21.15 10.82
CA ASP B 120 15.67 21.79 11.57
C ASP B 120 14.69 22.59 10.69
N ALA B 121 15.20 23.14 9.58
CA ALA B 121 14.38 23.86 8.61
C ALA B 121 13.35 22.96 7.91
N PHE B 122 13.51 21.63 7.96
CA PHE B 122 12.48 20.68 7.50
C PHE B 122 11.43 20.46 8.58
N THR B 123 10.64 21.49 8.81
CA THR B 123 9.67 21.48 9.88
C THR B 123 8.55 20.53 9.55
N VAL B 124 7.74 20.27 10.54
CA VAL B 124 6.62 19.39 10.32
C VAL B 124 5.76 19.99 9.18
N GLU B 125 5.44 21.29 9.24
CA GLU B 125 4.60 21.89 8.19
C GLU B 125 5.25 21.80 6.81
N THR B 126 6.59 21.92 6.79
CA THR B 126 7.33 21.74 5.56
C THR B 126 7.11 20.33 5.03
N GLN B 127 7.11 19.33 5.92
CA GLN B 127 6.92 17.95 5.43
C GLN B 127 5.47 17.73 4.97
N CYS B 128 4.50 18.32 5.67
CA CYS B 128 3.08 18.22 5.29
C CYS B 128 2.88 18.73 3.89
N ALA B 129 3.43 19.91 3.61
CA ALA B 129 3.30 20.48 2.27
C ALA B 129 4.07 19.71 1.18
N PHE B 130 5.28 19.28 1.51
CA PHE B 130 6.08 18.54 0.52
C PHE B 130 5.41 17.22 0.09
N GLN B 131 4.88 16.52 1.08
CA GLN B 131 4.20 15.25 0.83
C GLN B 131 2.93 15.48 -0.02
N LYS B 132 2.19 16.53 0.33
CA LYS B 132 0.94 16.85 -0.36
C LYS B 132 1.32 17.10 -1.83
N PHE B 133 2.44 17.81 -2.04
CA PHE B 133 2.91 18.17 -3.39
C PHE B 133 3.35 16.91 -4.14
N LEU B 134 4.13 16.03 -3.50
CA LEU B 134 4.57 14.78 -4.15
C LEU B 134 3.36 13.91 -4.46
N ALA B 135 2.38 13.88 -3.56
CA ALA B 135 1.21 13.05 -3.85
C ALA B 135 0.50 13.51 -5.14
N VAL B 136 0.40 14.82 -5.35
CA VAL B 136 -0.32 15.39 -6.50
C VAL B 136 0.46 15.04 -7.76
N VAL B 137 1.77 15.22 -7.69
CA VAL B 137 2.64 14.99 -8.83
C VAL B 137 2.68 13.51 -9.19
N VAL B 138 2.78 12.64 -8.18
CA VAL B 138 2.83 11.17 -8.40
C VAL B 138 1.50 10.69 -9.03
N PHE B 139 0.39 11.23 -8.55
CA PHE B 139 -0.90 10.95 -9.17
C PHE B 139 -0.89 11.38 -10.65
N ALA B 140 -0.53 12.64 -10.91
CA ALA B 140 -0.52 13.12 -12.31
C ALA B 140 0.36 12.25 -13.19
N LEU B 141 1.47 11.77 -12.64
CA LEU B 141 2.40 10.99 -13.50
C LEU B 141 1.80 9.64 -13.79
N GLY B 142 0.90 9.15 -12.93
CA GLY B 142 0.33 7.86 -13.20
C GLY B 142 -0.97 7.83 -14.04
N ARG B 143 -1.43 9.02 -14.41
CA ARG B 143 -2.78 9.20 -14.93
C ARG B 143 -3.01 8.59 -16.27
N LYS B 144 -1.96 8.61 -17.12
CA LYS B 144 -2.12 8.17 -18.50
C LYS B 144 -1.70 6.73 -18.78
N TYR B 145 -1.49 5.95 -17.72
CA TYR B 145 -1.22 4.52 -17.88
C TYR B 145 -2.55 3.90 -18.17
N HIS B 146 -2.66 3.18 -19.28
CA HIS B 146 -3.93 2.59 -19.71
C HIS B 146 -3.66 1.17 -20.24
N THR C 2 2.36 -12.58 7.32
CA THR C 2 2.46 -13.24 8.63
C THR C 2 2.40 -14.77 8.56
N THR C 3 2.73 -15.44 9.68
CA THR C 3 2.82 -16.89 9.66
C THR C 3 1.46 -17.57 9.52
N LEU C 4 1.47 -18.60 8.67
CA LEU C 4 0.27 -19.40 8.44
C LEU C 4 0.11 -20.41 9.58
N SER C 5 -1.05 -20.38 10.25
CA SER C 5 -1.41 -21.43 11.20
C SER C 5 -1.76 -22.77 10.52
N ASP C 6 -1.76 -23.83 11.32
CA ASP C 6 -2.30 -25.10 10.86
C ASP C 6 -3.70 -24.91 10.24
N LYS C 7 -4.58 -24.15 10.92
CA LYS C 7 -5.95 -23.87 10.41
C LYS C 7 -5.81 -23.27 9.00
N ASP C 8 -4.94 -22.28 8.81
CA ASP C 8 -4.86 -21.64 7.51
C ASP C 8 -4.37 -22.66 6.48
N LYS C 9 -3.37 -23.45 6.88
CA LYS C 9 -2.77 -24.42 5.95
C LYS C 9 -3.82 -25.48 5.54
N SER C 10 -4.61 -25.95 6.49
CA SER C 10 -5.61 -26.97 6.16
C SER C 10 -6.85 -26.38 5.41
N THR C 11 -7.22 -25.16 5.73
CA THR C 11 -8.20 -24.42 4.93
C THR C 11 -7.74 -24.20 3.44
N VAL C 12 -6.49 -23.81 3.26
CA VAL C 12 -5.97 -23.57 1.90
C VAL C 12 -5.88 -24.88 1.14
N LYS C 13 -5.41 -25.94 1.83
CA LYS C 13 -5.28 -27.26 1.18
C LYS C 13 -6.65 -27.76 0.75
N ALA C 14 -7.66 -27.57 1.63
CA ALA C 14 -9.02 -28.00 1.32
C ALA C 14 -9.58 -27.26 0.12
N LEU C 15 -9.49 -25.93 0.14
CA LEU C 15 -9.96 -25.10 -1.00
C LEU C 15 -9.22 -25.50 -2.28
N TRP C 16 -7.90 -25.66 -2.14
CA TRP C 16 -7.12 -26.06 -3.30
C TRP C 16 -7.57 -27.43 -3.85
N GLY C 17 -8.01 -28.36 -2.99
CA GLY C 17 -8.54 -29.63 -3.50
C GLY C 17 -9.81 -29.50 -4.36
N LYS C 18 -10.58 -28.43 -4.14
CA LYS C 18 -11.83 -28.21 -4.88
C LYS C 18 -11.60 -27.39 -6.15
N ILE C 19 -10.61 -26.50 -6.13
CA ILE C 19 -10.44 -25.53 -7.23
C ILE C 19 -9.24 -25.81 -8.11
N SER C 20 -8.38 -26.73 -7.67
CA SER C 20 -7.12 -26.91 -8.42
C SER C 20 -7.32 -27.38 -9.87
N LYS C 21 -8.44 -28.06 -10.15
CA LYS C 21 -8.77 -28.56 -11.50
C LYS C 21 -8.89 -27.40 -12.50
N SER C 22 -9.24 -26.22 -11.98
CA SER C 22 -9.43 -25.06 -12.80
C SER C 22 -8.29 -24.01 -12.63
N ALA C 23 -7.08 -24.44 -12.27
CA ALA C 23 -5.97 -23.53 -12.01
C ALA C 23 -5.64 -22.68 -13.25
N ASP C 24 -5.65 -23.30 -14.43
CA ASP C 24 -5.30 -22.61 -15.65
C ASP C 24 -6.29 -21.49 -15.96
N ALA C 25 -7.57 -21.78 -15.78
CA ALA C 25 -8.63 -20.79 -16.03
C ALA C 25 -8.61 -19.64 -14.98
N ILE C 26 -8.36 -19.98 -13.71
CA ILE C 26 -8.21 -18.97 -12.64
C ILE C 26 -7.09 -17.99 -12.97
N GLY C 27 -5.93 -18.53 -13.37
CA GLY C 27 -4.75 -17.75 -13.70
C GLY C 27 -4.96 -16.85 -14.90
N ALA C 28 -5.53 -17.41 -15.95
CA ALA C 28 -5.79 -16.63 -17.13
C ALA C 28 -6.73 -15.46 -16.80
N ASP C 29 -7.77 -15.75 -16.04
CA ASP C 29 -8.77 -14.74 -15.77
C ASP C 29 -8.20 -13.69 -14.83
N ALA C 30 -7.45 -14.13 -13.81
CA ALA C 30 -6.97 -13.21 -12.81
C ALA C 30 -5.86 -12.31 -13.42
N LEU C 31 -5.06 -12.83 -14.32
CA LEU C 31 -4.04 -11.99 -14.94
C LEU C 31 -4.61 -10.98 -15.95
N GLY C 32 -5.58 -11.41 -16.76
CA GLY C 32 -6.29 -10.51 -17.66
C GLY C 32 -7.02 -9.41 -16.89
N ARG C 33 -7.61 -9.74 -15.73
CA ARG C 33 -8.25 -8.76 -14.85
C ARG C 33 -7.23 -7.82 -14.23
N MET C 34 -6.10 -8.38 -13.78
CA MET C 34 -5.04 -7.53 -13.22
C MET C 34 -4.67 -6.50 -14.28
N LEU C 35 -4.37 -6.95 -15.49
CA LEU C 35 -3.90 -6.02 -16.54
C LEU C 35 -4.92 -4.90 -16.90
N ALA C 36 -6.17 -5.30 -17.06
CA ALA C 36 -7.28 -4.40 -17.41
C ALA C 36 -7.65 -3.43 -16.30
N VAL C 37 -7.81 -3.97 -15.07
CA VAL C 37 -8.38 -3.19 -13.97
C VAL C 37 -7.28 -2.35 -13.33
N TYR C 38 -6.03 -2.84 -13.39
CA TYR C 38 -4.85 -2.15 -12.82
C TYR C 38 -3.75 -1.99 -13.91
N PRO C 39 -4.01 -1.13 -14.88
CA PRO C 39 -3.11 -1.05 -16.06
C PRO C 39 -1.69 -0.64 -15.75
N GLN C 40 -1.41 -0.20 -14.51
CA GLN C 40 0.00 -0.02 -14.13
C GLN C 40 0.82 -1.32 -14.23
N THR C 41 0.15 -2.47 -14.09
CA THR C 41 0.86 -3.74 -14.11
C THR C 41 1.28 -4.14 -15.51
N LYS C 42 0.62 -3.52 -16.52
CA LYS C 42 0.96 -3.82 -17.93
C LYS C 42 2.41 -3.53 -18.24
N THR C 43 3.03 -2.62 -17.47
CA THR C 43 4.41 -2.20 -17.72
C THR C 43 5.42 -3.35 -17.73
N TYR C 44 5.10 -4.49 -17.09
CA TYR C 44 5.98 -5.67 -17.15
C TYR C 44 5.75 -6.63 -18.30
N PHE C 45 4.71 -6.39 -19.08
CA PHE C 45 4.32 -7.32 -20.16
C PHE C 45 4.46 -6.68 -21.55
N SER C 46 5.24 -5.61 -21.65
CA SER C 46 5.40 -4.91 -22.95
C SER C 46 5.95 -5.78 -24.11
N HIS C 47 6.70 -6.83 -23.79
CA HIS C 47 7.13 -7.80 -24.81
C HIS C 47 6.00 -8.64 -25.43
N TRP C 48 4.86 -8.75 -24.74
CA TRP C 48 3.69 -9.47 -25.26
C TRP C 48 2.53 -8.48 -25.32
N PRO C 49 2.43 -7.71 -26.42
CA PRO C 49 1.48 -6.60 -26.51
C PRO C 49 0.00 -6.97 -26.42
N ASP C 50 -0.40 -8.16 -26.88
CA ASP C 50 -1.80 -8.52 -26.76
C ASP C 50 -1.99 -8.90 -25.32
N MET C 51 -2.55 -7.97 -24.54
CA MET C 51 -2.86 -8.21 -23.14
C MET C 51 -4.35 -8.20 -22.95
N SER C 52 -5.08 -8.42 -24.05
CA SER C 52 -6.55 -8.49 -23.94
C SER C 52 -6.94 -9.73 -23.15
N PRO C 53 -8.07 -9.67 -22.46
CA PRO C 53 -8.56 -10.85 -21.73
C PRO C 53 -8.68 -12.07 -22.64
N GLY C 54 -8.15 -13.22 -22.19
CA GLY C 54 -8.37 -14.48 -22.88
C GLY C 54 -7.39 -14.66 -24.03
N SER C 55 -6.46 -13.72 -24.20
CA SER C 55 -5.53 -13.85 -25.32
C SER C 55 -4.52 -14.95 -25.04
N GLY C 56 -3.82 -15.37 -26.09
CA GLY C 56 -2.77 -16.37 -25.97
C GLY C 56 -1.74 -16.08 -24.86
N PRO C 57 -1.00 -14.97 -24.97
CA PRO C 57 -0.05 -14.55 -23.94
C PRO C 57 -0.66 -14.44 -22.54
N VAL C 58 -1.89 -13.93 -22.39
CA VAL C 58 -2.50 -13.80 -21.05
C VAL C 58 -2.80 -15.18 -20.47
N LYS C 59 -3.28 -16.09 -21.31
CA LYS C 59 -3.55 -17.48 -20.90
C LYS C 59 -2.29 -18.21 -20.46
N ALA C 60 -1.21 -18.05 -21.23
CA ALA C 60 0.08 -18.70 -20.94
C ALA C 60 0.73 -18.12 -19.66
N HIS C 61 0.75 -16.81 -19.56
CA HIS C 61 1.27 -16.18 -18.36
C HIS C 61 0.39 -16.46 -17.12
N GLY C 62 -0.93 -16.49 -17.33
CA GLY C 62 -1.83 -16.88 -16.25
C GLY C 62 -1.65 -18.30 -15.76
N LYS C 63 -1.42 -19.22 -16.69
CA LYS C 63 -1.10 -20.63 -16.36
C LYS C 63 0.23 -20.74 -15.56
N LYS C 64 1.26 -20.02 -15.99
CA LYS C 64 2.54 -19.96 -15.25
C LYS C 64 2.34 -19.48 -13.80
N VAL C 65 1.58 -18.41 -13.61
CA VAL C 65 1.36 -17.89 -12.25
C VAL C 65 0.66 -18.92 -11.34
N MET C 66 -0.40 -19.56 -11.83
CA MET C 66 -1.08 -20.53 -10.94
C MET C 66 -0.28 -21.81 -10.76
N GLY C 67 0.66 -22.07 -11.66
CA GLY C 67 1.67 -23.10 -11.44
C GLY C 67 2.55 -22.79 -10.24
N GLY C 68 2.87 -21.50 -10.06
CA GLY C 68 3.64 -21.07 -8.92
C GLY C 68 2.77 -21.13 -7.68
N VAL C 69 1.47 -20.80 -7.84
CA VAL C 69 0.52 -20.92 -6.74
C VAL C 69 0.43 -22.40 -6.34
N ALA C 70 0.22 -23.31 -7.31
CA ALA C 70 0.27 -24.78 -7.05
C ALA C 70 1.54 -25.22 -6.27
N LEU C 71 2.71 -24.78 -6.73
CA LEU C 71 3.95 -25.07 -6.02
C LEU C 71 3.97 -24.46 -4.62
N ALA C 72 3.46 -23.24 -4.50
CA ALA C 72 3.40 -22.63 -3.21
C ALA C 72 2.53 -23.47 -2.27
N VAL C 73 1.44 -24.09 -2.79
CA VAL C 73 0.59 -24.97 -1.95
C VAL C 73 1.36 -26.24 -1.45
N SER C 74 2.05 -26.89 -2.35
CA SER C 74 3.01 -27.96 -1.98
C SER C 74 4.10 -27.55 -0.99
N LYS C 75 4.57 -26.31 -1.08
CA LYS C 75 5.66 -25.82 -0.23
C LYS C 75 5.18 -24.90 0.90
N ILE C 76 3.90 -25.05 1.30
CA ILE C 76 3.21 -24.12 2.21
C ILE C 76 3.84 -24.05 3.59
N ASP C 77 4.60 -25.07 3.96
CA ASP C 77 5.22 -25.09 5.28
C ASP C 77 6.46 -24.25 5.33
N ASP C 78 7.03 -23.99 4.18
CA ASP C 78 8.15 -23.11 4.17
C ASP C 78 8.27 -22.50 2.78
N LEU C 79 7.44 -21.48 2.57
CA LEU C 79 7.49 -20.72 1.32
C LEU C 79 8.80 -19.94 1.08
N THR C 80 9.45 -19.49 2.12
CA THR C 80 10.70 -18.76 1.93
C THR C 80 11.71 -19.58 1.14
N THR C 81 11.96 -20.79 1.62
CA THR C 81 12.78 -21.72 0.86
C THR C 81 12.12 -22.20 -0.42
N GLY C 82 10.85 -22.60 -0.35
CA GLY C 82 10.17 -23.24 -1.46
C GLY C 82 10.15 -22.35 -2.71
N LEU C 83 10.00 -21.02 -2.52
CA LEU C 83 9.80 -20.16 -3.68
C LEU C 83 11.08 -19.38 -3.99
N GLY C 84 12.21 -19.82 -3.44
CA GLY C 84 13.43 -19.03 -3.57
C GLY C 84 13.92 -18.85 -4.99
N ASP C 85 13.80 -19.87 -5.83
CA ASP C 85 14.18 -19.75 -7.24
C ASP C 85 13.24 -18.77 -7.99
N LEU C 86 11.94 -18.86 -7.75
CA LEU C 86 10.99 -17.92 -8.37
C LEU C 86 11.23 -16.52 -7.83
N SER C 87 11.70 -16.41 -6.60
CA SER C 87 12.00 -15.10 -6.00
C SER C 87 13.19 -14.52 -6.71
N GLU C 88 14.20 -15.36 -6.95
CA GLU C 88 15.38 -14.94 -7.65
C GLU C 88 15.00 -14.42 -9.06
N LEU C 89 14.17 -15.16 -9.80
CA LEU C 89 13.70 -14.70 -11.12
C LEU C 89 12.96 -13.36 -11.06
N HIS C 90 11.99 -13.22 -10.15
CA HIS C 90 11.24 -11.96 -10.02
C HIS C 90 12.15 -10.79 -9.59
N ALA C 91 13.12 -11.08 -8.72
CA ALA C 91 14.03 -10.03 -8.20
C ALA C 91 14.98 -9.44 -9.25
N PHE C 92 15.51 -10.29 -10.13
CA PHE C 92 16.61 -9.89 -10.98
C PHE C 92 16.37 -10.00 -12.47
N LYS C 93 15.38 -10.77 -12.87
CA LYS C 93 15.05 -10.81 -14.30
C LYS C 93 13.96 -9.82 -14.60
N MET C 94 12.74 -10.10 -14.17
CA MET C 94 11.62 -9.19 -14.42
C MET C 94 11.67 -7.95 -13.50
N ARG C 95 12.22 -8.11 -12.31
CA ARG C 95 12.33 -7.01 -11.32
C ARG C 95 10.99 -6.34 -11.07
N VAL C 96 10.00 -7.14 -10.70
CA VAL C 96 8.61 -6.69 -10.48
C VAL C 96 8.52 -6.06 -9.11
N ASP C 97 8.10 -4.81 -9.05
CA ASP C 97 7.96 -4.12 -7.78
C ASP C 97 6.98 -4.96 -6.95
N PRO C 98 7.40 -5.40 -5.75
CA PRO C 98 6.57 -6.22 -4.86
C PRO C 98 5.15 -5.70 -4.60
N SER C 99 4.95 -4.39 -4.74
CA SER C 99 3.61 -3.80 -4.62
C SER C 99 2.58 -4.50 -5.52
N ASN C 100 3.02 -4.95 -6.71
CA ASN C 100 2.12 -5.61 -7.65
C ASN C 100 1.64 -6.98 -7.22
N PHE C 101 2.39 -7.65 -6.35
CA PHE C 101 1.97 -8.96 -5.90
C PHE C 101 0.63 -8.84 -5.19
N LYS C 102 0.43 -7.81 -4.37
CA LYS C 102 -0.88 -7.63 -3.69
C LYS C 102 -2.03 -7.45 -4.70
N ILE C 103 -1.76 -6.72 -5.80
CA ILE C 103 -2.76 -6.45 -6.84
C ILE C 103 -3.23 -7.77 -7.48
N LEU C 104 -2.28 -8.58 -7.95
CA LEU C 104 -2.61 -9.92 -8.46
C LEU C 104 -3.29 -10.83 -7.45
N SER C 105 -2.87 -10.77 -6.20
CA SER C 105 -3.52 -11.59 -5.16
C SER C 105 -5.00 -11.25 -5.01
N HIS C 106 -5.31 -9.96 -4.97
CA HIS C 106 -6.69 -9.48 -4.92
C HIS C 106 -7.46 -9.96 -6.16
N CYS C 107 -6.85 -9.87 -7.34
CA CYS C 107 -7.51 -10.35 -8.58
C CYS C 107 -7.76 -11.89 -8.57
N ILE C 108 -6.84 -12.66 -7.96
CA ILE C 108 -7.06 -14.11 -7.82
C ILE C 108 -8.24 -14.37 -6.93
N LEU C 109 -8.29 -13.62 -5.83
CA LEU C 109 -9.41 -13.78 -4.91
C LEU C 109 -10.75 -13.45 -5.57
N VAL C 110 -10.80 -12.37 -6.34
CA VAL C 110 -12.02 -11.97 -7.05
C VAL C 110 -12.46 -13.06 -8.05
N VAL C 111 -11.52 -13.61 -8.81
CA VAL C 111 -11.82 -14.73 -9.69
C VAL C 111 -12.28 -16.00 -8.96
N VAL C 112 -11.62 -16.36 -7.84
CA VAL C 112 -12.00 -17.58 -7.14
C VAL C 112 -13.43 -17.39 -6.63
N ALA C 113 -13.74 -16.17 -6.17
CA ALA C 113 -15.10 -15.88 -5.68
C ALA C 113 -16.09 -15.97 -6.83
N LYS C 114 -15.70 -15.51 -8.02
CA LYS C 114 -16.56 -15.47 -9.20
C LYS C 114 -16.87 -16.89 -9.69
N MET C 115 -15.84 -17.72 -9.71
CA MET C 115 -15.93 -19.09 -10.21
C MET C 115 -16.47 -20.06 -9.16
N PHE C 116 -16.19 -19.82 -7.89
CA PHE C 116 -16.54 -20.75 -6.80
C PHE C 116 -17.23 -20.02 -5.65
N PRO C 117 -18.34 -19.32 -5.94
CA PRO C 117 -18.99 -18.46 -4.93
C PRO C 117 -19.41 -19.18 -3.64
N LYS C 118 -19.71 -20.46 -3.73
CA LYS C 118 -20.33 -21.11 -2.56
C LYS C 118 -19.22 -21.67 -1.65
N GLU C 119 -18.15 -22.13 -2.28
CA GLU C 119 -16.93 -22.62 -1.60
C GLU C 119 -16.08 -21.46 -1.02
N PHE C 120 -16.12 -20.29 -1.69
CA PHE C 120 -15.33 -19.12 -1.24
C PHE C 120 -15.94 -18.31 -0.09
N THR C 121 -16.06 -18.97 1.06
CA THR C 121 -16.66 -18.36 2.24
C THR C 121 -15.67 -17.39 2.85
N PRO C 122 -16.15 -16.51 3.73
CA PRO C 122 -15.26 -15.62 4.48
C PRO C 122 -14.11 -16.36 5.18
N ASP C 123 -14.38 -17.59 5.62
CA ASP C 123 -13.38 -18.36 6.35
C ASP C 123 -12.28 -18.84 5.40
N ALA C 124 -12.68 -19.28 4.21
CA ALA C 124 -11.75 -19.70 3.15
C ALA C 124 -10.97 -18.47 2.69
N HIS C 125 -11.67 -17.35 2.60
CA HIS C 125 -11.10 -16.09 2.07
C HIS C 125 -9.95 -15.57 2.96
N VAL C 126 -10.16 -15.52 4.28
CA VAL C 126 -9.15 -15.01 5.20
C VAL C 126 -7.90 -15.88 5.07
N SER C 127 -8.09 -17.21 5.08
CA SER C 127 -6.93 -18.08 5.01
C SER C 127 -6.26 -18.01 3.65
N LEU C 128 -7.03 -17.97 2.56
CA LEU C 128 -6.40 -17.76 1.23
C LEU C 128 -5.69 -16.41 1.13
N ASP C 129 -6.30 -15.35 1.71
CA ASP C 129 -5.65 -14.04 1.62
C ASP C 129 -4.30 -14.07 2.36
N LYS C 130 -4.29 -14.70 3.54
CA LYS C 130 -3.04 -14.86 4.24
C LYS C 130 -2.00 -15.58 3.38
N PHE C 131 -2.44 -16.69 2.74
CA PHE C 131 -1.55 -17.57 1.98
C PHE C 131 -0.92 -16.76 0.87
N LEU C 132 -1.76 -16.04 0.13
CA LEU C 132 -1.23 -15.16 -0.94
C LEU C 132 -0.32 -14.03 -0.41
N ALA C 133 -0.54 -13.54 0.82
CA ALA C 133 0.37 -12.53 1.36
C ALA C 133 1.77 -13.19 1.63
N SER C 134 1.71 -14.43 2.13
CA SER C 134 2.89 -15.24 2.43
C SER C 134 3.66 -15.57 1.15
N VAL C 135 2.90 -15.88 0.08
CA VAL C 135 3.48 -16.05 -1.28
C VAL C 135 4.23 -14.80 -1.75
N ALA C 136 3.55 -13.67 -1.68
CA ALA C 136 4.08 -12.35 -2.04
C ALA C 136 5.37 -12.04 -1.28
N LEU C 137 5.35 -12.26 0.04
CA LEU C 137 6.52 -12.07 0.91
C LEU C 137 7.72 -12.97 0.53
N ALA C 138 7.40 -14.26 0.24
CA ALA C 138 8.39 -15.24 -0.21
C ALA C 138 9.03 -14.75 -1.51
N LEU C 139 8.20 -14.25 -2.42
CA LEU C 139 8.69 -13.81 -3.74
C LEU C 139 9.57 -12.57 -3.61
N ALA C 140 9.31 -11.74 -2.60
CA ALA C 140 10.09 -10.51 -2.36
C ALA C 140 11.46 -10.80 -1.69
N GLU C 141 11.66 -12.01 -1.20
CA GLU C 141 12.84 -12.36 -0.41
C GLU C 141 14.18 -11.97 -1.04
N ARG C 142 14.39 -12.32 -2.30
CA ARG C 142 15.70 -12.12 -2.95
C ARG C 142 15.89 -10.72 -3.51
N TYR C 143 14.88 -9.84 -3.42
CA TYR C 143 14.97 -8.51 -4.06
C TYR C 143 16.07 -7.59 -3.50
N ARG C 144 16.32 -7.67 -2.19
CA ARG C 144 17.30 -6.79 -1.51
C ARG C 144 17.59 -7.32 -0.09
N VAL D 1 -12.52 12.92 -12.28
CA VAL D 1 -12.46 11.75 -13.20
C VAL D 1 -13.38 11.97 -14.39
N GLU D 2 -12.95 11.52 -15.57
CA GLU D 2 -13.79 11.51 -16.77
C GLU D 2 -14.46 10.13 -16.97
N TRP D 3 -15.79 10.05 -16.87
CA TRP D 3 -16.51 8.77 -17.01
C TRP D 3 -16.89 8.54 -18.48
N THR D 4 -16.82 7.29 -18.96
CA THR D 4 -17.39 6.95 -20.29
C THR D 4 -18.83 6.58 -20.06
N GLN D 5 -19.64 6.60 -21.12
CA GLN D 5 -21.01 6.18 -20.99
C GLN D 5 -21.11 4.71 -20.51
N GLN D 6 -20.19 3.86 -20.98
CA GLN D 6 -20.16 2.46 -20.62
C GLN D 6 -20.02 2.30 -19.09
N GLU D 7 -19.07 3.03 -18.50
CA GLU D 7 -18.88 3.10 -17.05
C GLU D 7 -20.10 3.56 -16.29
N ARG D 8 -20.70 4.68 -16.72
CA ARG D 8 -21.92 5.15 -16.04
C ARG D 8 -23.02 4.10 -16.10
N SER D 9 -23.21 3.52 -17.29
CA SER D 9 -24.24 2.47 -17.45
C SER D 9 -23.96 1.23 -16.61
N ILE D 10 -22.71 0.76 -16.55
CA ILE D 10 -22.38 -0.40 -15.69
C ILE D 10 -22.71 -0.14 -14.23
N ILE D 11 -22.27 1.02 -13.74
CA ILE D 11 -22.57 1.39 -12.35
C ILE D 11 -24.05 1.52 -12.09
N ALA D 12 -24.78 2.23 -12.94
CA ALA D 12 -26.26 2.25 -12.80
C ALA D 12 -26.79 0.83 -12.79
N GLY D 13 -26.25 -0.01 -13.65
CA GLY D 13 -26.78 -1.37 -13.77
C GLY D 13 -26.53 -2.23 -12.54
N ILE D 14 -25.42 -2.02 -11.85
CA ILE D 14 -25.10 -2.82 -10.66
C ILE D 14 -26.11 -2.47 -9.60
N PHE D 15 -26.41 -1.18 -9.43
CA PHE D 15 -27.31 -0.71 -8.37
C PHE D 15 -28.80 -0.80 -8.63
N ALA D 16 -29.22 -0.80 -9.88
CA ALA D 16 -30.65 -0.61 -10.16
C ALA D 16 -31.53 -1.68 -9.51
N ASN D 17 -31.06 -2.92 -9.45
CA ASN D 17 -31.83 -4.01 -8.85
C ASN D 17 -31.00 -4.75 -7.80
N LEU D 18 -30.14 -3.99 -7.12
CA LEU D 18 -29.29 -4.54 -6.12
C LEU D 18 -30.14 -5.06 -4.96
N ASN D 19 -29.85 -6.26 -4.50
CA ASN D 19 -30.45 -6.70 -3.26
C ASN D 19 -29.60 -6.24 -2.08
N TYR D 20 -29.90 -5.07 -1.51
CA TYR D 20 -29.04 -4.45 -0.48
C TYR D 20 -29.01 -5.29 0.79
N GLU D 21 -30.14 -5.93 1.09
CA GLU D 21 -30.29 -6.77 2.29
C GLU D 21 -29.56 -8.10 2.12
N ASP D 22 -29.17 -8.42 0.90
CA ASP D 22 -28.29 -9.56 0.69
C ASP D 22 -26.82 -9.13 0.70
N ILE D 23 -26.51 -8.18 -0.20
CA ILE D 23 -25.12 -7.78 -0.52
C ILE D 23 -24.42 -7.02 0.58
N GLY D 24 -25.16 -6.12 1.20
CA GLY D 24 -24.70 -5.28 2.28
C GLY D 24 -24.17 -6.08 3.46
N PRO D 25 -24.99 -6.91 4.07
CA PRO D 25 -24.52 -7.77 5.16
C PRO D 25 -23.39 -8.68 4.75
N LYS D 26 -23.45 -9.33 3.58
CA LYS D 26 -22.33 -10.18 3.10
C LYS D 26 -20.97 -9.42 3.06
N ALA D 27 -21.01 -8.22 2.51
CA ALA D 27 -19.80 -7.38 2.34
C ALA D 27 -19.22 -7.02 3.72
N LEU D 28 -20.04 -6.46 4.60
CA LEU D 28 -19.56 -6.03 5.90
C LEU D 28 -19.13 -7.19 6.79
N ALA D 29 -19.88 -8.29 6.76
CA ALA D 29 -19.51 -9.48 7.54
C ALA D 29 -18.17 -10.05 7.08
N ARG D 30 -18.02 -10.18 5.77
CA ARG D 30 -16.78 -10.66 5.18
C ARG D 30 -15.63 -9.78 5.63
N CYS D 31 -15.87 -8.47 5.65
CA CYS D 31 -14.80 -7.52 6.02
C CYS D 31 -14.33 -7.67 7.48
N LEU D 32 -15.31 -7.83 8.38
CA LEU D 32 -15.11 -8.06 9.83
C LEU D 32 -14.38 -9.38 10.10
N ILE D 33 -14.54 -10.33 9.20
CA ILE D 33 -13.96 -11.65 9.38
C ILE D 33 -12.52 -11.73 8.78
N VAL D 34 -12.36 -11.14 7.61
CA VAL D 34 -11.08 -11.19 6.86
C VAL D 34 -10.06 -10.16 7.40
N TYR D 35 -10.57 -9.03 7.88
CA TYR D 35 -9.80 -7.95 8.46
C TYR D 35 -10.35 -7.55 9.86
N PRO D 36 -10.09 -8.38 10.84
CA PRO D 36 -10.80 -8.33 12.14
C PRO D 36 -10.57 -7.04 12.93
N TRP D 37 -9.55 -6.24 12.61
CA TRP D 37 -9.35 -4.97 13.27
C TRP D 37 -10.53 -4.05 12.98
N THR D 38 -11.21 -4.24 11.84
CA THR D 38 -12.37 -3.42 11.51
C THR D 38 -13.51 -3.59 12.50
N GLN D 39 -13.37 -4.57 13.37
CA GLN D 39 -14.34 -4.68 14.44
C GLN D 39 -14.18 -3.57 15.50
N ARG D 40 -13.04 -2.85 15.52
CA ARG D 40 -12.80 -1.69 16.43
C ARG D 40 -14.12 -0.96 16.73
N TYR D 41 -14.87 -0.65 15.66
CA TYR D 41 -15.93 0.34 15.70
C TYR D 41 -17.27 -0.22 16.17
N PHE D 42 -17.32 -1.52 16.35
CA PHE D 42 -18.60 -2.19 16.52
C PHE D 42 -18.74 -2.85 17.88
N GLY D 43 -18.16 -2.19 18.91
CA GLY D 43 -18.24 -2.64 20.29
C GLY D 43 -19.67 -2.60 20.81
N ALA D 44 -20.44 -1.64 20.29
CA ALA D 44 -21.86 -1.51 20.61
C ALA D 44 -22.77 -2.42 19.75
N TYR D 45 -22.18 -3.29 18.92
CA TYR D 45 -22.98 -4.15 18.02
C TYR D 45 -23.21 -5.56 18.51
N GLY D 46 -22.66 -5.88 19.68
CA GLY D 46 -22.93 -7.15 20.32
C GLY D 46 -21.92 -8.20 19.91
N ASP D 47 -22.38 -9.45 19.88
CA ASP D 47 -21.51 -10.60 19.65
C ASP D 47 -20.77 -10.56 18.29
N LEU D 48 -19.44 -10.49 18.33
CA LEU D 48 -18.60 -10.62 17.12
C LEU D 48 -17.49 -11.67 17.24
N SER D 49 -17.61 -12.58 18.21
CA SER D 49 -16.48 -13.45 18.61
C SER D 49 -16.04 -14.53 17.61
N THR D 50 -16.98 -15.01 16.80
CA THR D 50 -16.70 -15.99 15.72
C THR D 50 -17.27 -15.50 14.38
N PRO D 51 -16.84 -16.08 13.26
CA PRO D 51 -17.50 -15.82 11.97
C PRO D 51 -19.03 -16.06 12.03
N ASP D 52 -19.46 -17.17 12.64
CA ASP D 52 -20.87 -17.51 12.67
C ASP D 52 -21.68 -16.44 13.37
N ALA D 53 -21.12 -15.89 14.46
CA ALA D 53 -21.78 -14.82 15.23
C ALA D 53 -21.88 -13.53 14.42
N ILE D 54 -20.79 -13.19 13.72
CA ILE D 54 -20.80 -12.01 12.86
C ILE D 54 -21.84 -12.15 11.73
N LYS D 55 -21.91 -13.33 11.11
CA LYS D 55 -22.83 -13.58 10.00
C LYS D 55 -24.30 -13.61 10.45
N GLY D 56 -24.50 -13.89 11.74
CA GLY D 56 -25.85 -13.91 12.30
C GLY D 56 -26.24 -12.64 13.00
N ASN D 57 -25.33 -11.68 13.03
CA ASN D 57 -25.55 -10.45 13.76
C ASN D 57 -26.38 -9.44 12.99
N ALA D 58 -27.61 -9.24 13.44
CA ALA D 58 -28.60 -8.45 12.72
C ALA D 58 -28.28 -6.98 12.81
N LYS D 59 -27.60 -6.58 13.90
CA LYS D 59 -27.15 -5.22 14.02
C LYS D 59 -26.03 -4.89 13.00
N ILE D 60 -25.08 -5.82 12.78
CA ILE D 60 -24.02 -5.68 11.74
C ILE D 60 -24.66 -5.74 10.35
N ALA D 61 -25.57 -6.68 10.17
CA ALA D 61 -26.32 -6.76 8.91
C ALA D 61 -27.00 -5.42 8.59
N ALA D 62 -27.64 -4.81 9.60
CA ALA D 62 -28.39 -3.58 9.33
C ALA D 62 -27.40 -2.47 8.96
N HIS D 63 -26.18 -2.57 9.50
CA HIS D 63 -25.15 -1.62 9.17
C HIS D 63 -24.58 -1.83 7.78
N GLY D 64 -24.35 -3.09 7.38
CA GLY D 64 -24.00 -3.43 6.01
C GLY D 64 -24.96 -2.82 4.99
N VAL D 65 -26.28 -2.92 5.25
CA VAL D 65 -27.29 -2.28 4.41
C VAL D 65 -27.12 -0.76 4.38
N LYS D 66 -26.95 -0.16 5.56
CA LYS D 66 -26.76 1.27 5.67
C LYS D 66 -25.52 1.75 4.85
N VAL D 67 -24.40 1.05 5.00
CA VAL D 67 -23.14 1.42 4.30
C VAL D 67 -23.35 1.25 2.80
N LEU D 68 -23.96 0.13 2.39
CA LEU D 68 -24.25 -0.07 0.97
C LEU D 68 -25.17 1.01 0.41
N HIS D 69 -26.25 1.35 1.10
CA HIS D 69 -27.09 2.47 0.68
C HIS D 69 -26.30 3.79 0.64
N GLY D 70 -25.20 3.85 1.41
CA GLY D 70 -24.28 4.99 1.35
C GLY D 70 -23.59 5.25 0.02
N LEU D 71 -23.50 4.25 -0.85
CA LEU D 71 -22.98 4.44 -2.19
C LEU D 71 -24.03 5.09 -3.11
N ASP D 72 -25.31 5.10 -2.69
CA ASP D 72 -26.41 5.56 -3.57
C ASP D 72 -26.19 6.96 -4.08
N ARG D 73 -25.83 7.85 -3.15
CA ARG D 73 -25.57 9.23 -3.47
C ARG D 73 -24.45 9.40 -4.51
N ALA D 74 -23.43 8.54 -4.50
CA ALA D 74 -22.38 8.54 -5.54
C ALA D 74 -22.94 8.12 -6.91
N VAL D 75 -23.75 7.05 -6.92
CA VAL D 75 -24.35 6.55 -8.15
C VAL D 75 -25.18 7.66 -8.80
N LYS D 76 -25.93 8.40 -7.98
CA LYS D 76 -26.85 9.44 -8.48
C LYS D 76 -26.09 10.69 -8.95
N ASN D 77 -24.93 10.95 -8.32
CA ASN D 77 -24.11 12.15 -8.54
C ASN D 77 -22.64 11.89 -9.01
N MET D 78 -22.44 11.13 -10.08
CA MET D 78 -21.11 10.61 -10.40
C MET D 78 -20.04 11.64 -10.72
N ASP D 79 -20.48 12.84 -11.09
CA ASP D 79 -19.53 13.89 -11.46
C ASP D 79 -19.14 14.80 -10.32
N ASN D 80 -19.80 14.59 -9.19
CA ASN D 80 -19.74 15.48 -8.00
C ASN D 80 -19.56 14.62 -6.72
N ILE D 81 -18.86 13.48 -6.81
CA ILE D 81 -18.77 12.58 -5.64
C ILE D 81 -17.96 13.23 -4.50
N ASN D 82 -16.95 14.06 -4.81
CA ASN D 82 -16.21 14.73 -3.74
C ASN D 82 -17.15 15.53 -2.84
N GLU D 83 -18.04 16.27 -3.48
CA GLU D 83 -18.93 17.24 -2.82
C GLU D 83 -19.99 16.44 -2.10
N ALA D 84 -20.44 15.36 -2.74
CA ALA D 84 -21.51 14.51 -2.17
C ALA D 84 -21.10 13.76 -0.91
N TYR D 85 -19.80 13.48 -0.77
CA TYR D 85 -19.32 12.73 0.38
C TYR D 85 -18.63 13.60 1.44
N SER D 86 -18.60 14.92 1.23
CA SER D 86 -17.79 15.77 2.12
C SER D 86 -18.33 15.67 3.55
N GLU D 87 -19.64 15.77 3.73
CA GLU D 87 -20.23 15.62 5.06
C GLU D 87 -20.05 14.22 5.68
N LEU D 88 -20.17 13.19 4.84
CA LEU D 88 -19.94 11.83 5.35
C LEU D 88 -18.45 11.63 5.73
N SER D 89 -17.55 12.31 5.03
CA SER D 89 -16.16 12.21 5.38
C SER D 89 -15.95 12.87 6.75
N VAL D 90 -16.55 14.04 6.93
CA VAL D 90 -16.46 14.72 8.21
C VAL D 90 -16.94 13.83 9.34
N LEU D 91 -18.06 13.18 9.12
CA LEU D 91 -18.63 12.29 10.13
C LEU D 91 -17.65 11.16 10.52
N HIS D 92 -17.18 10.42 9.52
CA HIS D 92 -16.33 9.25 9.75
C HIS D 92 -15.04 9.66 10.43
N SER D 93 -14.50 10.82 10.03
CA SER D 93 -13.35 11.38 10.71
C SER D 93 -13.62 11.90 12.16
N ASP D 94 -14.42 12.95 12.29
CA ASP D 94 -14.50 13.74 13.52
C ASP D 94 -15.33 13.07 14.62
N LYS D 95 -16.40 12.37 14.22
CA LYS D 95 -17.29 11.69 15.16
C LYS D 95 -16.94 10.21 15.35
N LEU D 96 -16.76 9.48 14.26
CA LEU D 96 -16.60 8.04 14.32
C LEU D 96 -15.14 7.52 14.45
N HIS D 97 -14.18 8.33 14.00
CA HIS D 97 -12.77 7.94 14.08
C HIS D 97 -12.45 6.65 13.33
N VAL D 98 -13.08 6.49 12.16
CA VAL D 98 -12.81 5.30 11.35
C VAL D 98 -11.55 5.59 10.52
N ASP D 99 -10.55 4.71 10.63
CA ASP D 99 -9.35 4.78 9.75
C ASP D 99 -9.82 4.60 8.30
N PRO D 100 -9.53 5.55 7.44
CA PRO D 100 -10.05 5.54 6.08
C PRO D 100 -9.42 4.43 5.25
N ASP D 101 -8.31 3.84 5.72
CA ASP D 101 -7.80 2.67 5.00
C ASP D 101 -8.88 1.57 4.98
N ASN D 102 -9.71 1.53 6.01
CA ASN D 102 -10.76 0.54 6.04
C ASN D 102 -11.80 0.70 4.94
N PHE D 103 -11.91 1.89 4.36
CA PHE D 103 -12.83 2.08 3.24
C PHE D 103 -12.37 1.25 2.06
N ARG D 104 -11.05 1.30 1.80
CA ARG D 104 -10.40 0.55 0.71
C ARG D 104 -10.65 -0.95 0.86
N ILE D 105 -10.45 -1.41 2.09
CA ILE D 105 -10.55 -2.80 2.43
C ILE D 105 -12.01 -3.31 2.30
N LEU D 106 -12.95 -2.46 2.68
CA LEU D 106 -14.36 -2.85 2.59
C LEU D 106 -14.72 -2.90 1.13
N GLY D 107 -14.28 -1.91 0.34
CA GLY D 107 -14.54 -1.96 -1.08
C GLY D 107 -14.05 -3.28 -1.73
N ASP D 108 -12.91 -3.75 -1.27
CA ASP D 108 -12.32 -4.97 -1.84
C ASP D 108 -13.23 -6.12 -1.45
N CYS D 109 -13.72 -6.11 -0.19
CA CYS D 109 -14.71 -7.13 0.20
C CYS D 109 -16.00 -7.06 -0.61
N LEU D 110 -16.51 -5.85 -0.83
CA LEU D 110 -17.74 -5.62 -1.63
C LEU D 110 -17.55 -6.19 -3.04
N THR D 111 -16.36 -5.95 -3.61
CA THR D 111 -16.01 -6.45 -4.94
C THR D 111 -16.12 -7.96 -4.96
N VAL D 112 -15.52 -8.60 -3.97
CA VAL D 112 -15.54 -10.03 -3.88
C VAL D 112 -17.00 -10.52 -3.76
N VAL D 113 -17.79 -9.81 -2.98
CA VAL D 113 -19.20 -10.21 -2.79
C VAL D 113 -20.00 -10.07 -4.13
N ILE D 114 -19.81 -8.96 -4.84
CA ILE D 114 -20.53 -8.69 -6.07
C ILE D 114 -20.06 -9.64 -7.17
N ALA D 115 -18.76 -9.94 -7.15
CA ALA D 115 -18.22 -10.94 -8.06
C ALA D 115 -18.89 -12.30 -7.84
N ALA D 116 -19.00 -12.71 -6.57
CA ALA D 116 -19.60 -14.00 -6.28
C ALA D 116 -21.05 -14.01 -6.73
N ASN D 117 -21.74 -12.88 -6.57
CA ASN D 117 -23.18 -12.82 -6.80
C ASN D 117 -23.53 -12.79 -8.31
N LEU D 118 -22.77 -12.01 -9.07
CA LEU D 118 -23.02 -11.79 -10.50
C LEU D 118 -22.56 -12.89 -11.47
N GLY D 119 -21.54 -13.65 -11.08
CA GLY D 119 -21.07 -14.78 -11.86
C GLY D 119 -20.59 -14.29 -13.21
N ASP D 120 -21.12 -14.89 -14.29
CA ASP D 120 -20.77 -14.47 -15.66
C ASP D 120 -21.03 -13.00 -15.96
N ALA D 121 -22.00 -12.40 -15.28
CA ALA D 121 -22.33 -10.99 -15.52
C ALA D 121 -21.19 -10.06 -15.03
N PHE D 122 -20.24 -10.60 -14.24
CA PHE D 122 -19.17 -9.76 -13.67
C PHE D 122 -18.00 -9.77 -14.63
N THR D 123 -18.17 -9.08 -15.76
CA THR D 123 -17.22 -9.17 -16.83
C THR D 123 -15.96 -8.37 -16.45
N VAL D 124 -14.93 -8.47 -17.29
CA VAL D 124 -13.68 -7.75 -17.02
C VAL D 124 -14.00 -6.24 -16.93
N GLU D 125 -14.72 -5.70 -17.93
CA GLU D 125 -15.06 -4.28 -17.96
C GLU D 125 -15.96 -3.84 -16.80
N THR D 126 -16.82 -4.75 -16.33
CA THR D 126 -17.60 -4.47 -15.14
C THR D 126 -16.67 -4.22 -13.91
N GLN D 127 -15.68 -5.08 -13.73
CA GLN D 127 -14.70 -4.94 -12.66
C GLN D 127 -13.95 -3.64 -12.83
N CYS D 128 -13.60 -3.32 -14.07
CA CYS D 128 -12.83 -2.10 -14.32
C CYS D 128 -13.63 -0.88 -13.87
N ALA D 129 -14.90 -0.82 -14.29
CA ALA D 129 -15.74 0.36 -13.98
C ALA D 129 -16.05 0.43 -12.47
N PHE D 130 -16.33 -0.74 -11.88
CA PHE D 130 -16.64 -0.80 -10.49
C PHE D 130 -15.43 -0.42 -9.60
N GLN D 131 -14.23 -0.92 -9.94
CA GLN D 131 -12.99 -0.46 -9.31
C GLN D 131 -12.73 1.07 -9.39
N LYS D 132 -12.97 1.63 -10.56
CA LYS D 132 -12.88 3.07 -10.78
C LYS D 132 -13.83 3.85 -9.88
N PHE D 133 -15.08 3.35 -9.78
CA PHE D 133 -16.14 3.89 -8.92
C PHE D 133 -15.74 3.80 -7.44
N LEU D 134 -15.29 2.63 -6.99
CA LEU D 134 -14.84 2.49 -5.61
C LEU D 134 -13.65 3.40 -5.29
N ALA D 135 -12.67 3.49 -6.17
CA ALA D 135 -11.52 4.38 -5.94
C ALA D 135 -11.97 5.85 -5.74
N VAL D 136 -12.91 6.29 -6.56
CA VAL D 136 -13.40 7.65 -6.44
C VAL D 136 -14.15 7.85 -5.12
N VAL D 137 -15.04 6.93 -4.78
CA VAL D 137 -15.79 7.00 -3.53
C VAL D 137 -14.87 6.96 -2.33
N VAL D 138 -13.87 6.07 -2.33
CA VAL D 138 -12.98 5.92 -1.17
C VAL D 138 -12.13 7.17 -0.99
N PHE D 139 -11.66 7.71 -2.11
CA PHE D 139 -10.93 8.96 -2.06
C PHE D 139 -11.78 10.06 -1.45
N ALA D 140 -12.94 10.31 -2.06
CA ALA D 140 -13.95 11.21 -1.52
C ALA D 140 -14.15 11.06 0.00
N LEU D 141 -14.34 9.84 0.49
CA LEU D 141 -14.61 9.64 1.90
C LEU D 141 -13.39 9.95 2.77
N GLY D 142 -12.18 9.92 2.20
CA GLY D 142 -10.99 10.32 2.93
C GLY D 142 -10.63 11.81 2.91
N ARG D 143 -11.30 12.58 2.09
CA ARG D 143 -10.89 13.98 1.86
C ARG D 143 -10.85 14.93 3.07
N LYS D 144 -11.77 14.75 4.00
CA LYS D 144 -11.95 15.75 5.05
C LYS D 144 -11.30 15.29 6.34
N TYR D 145 -10.48 14.25 6.26
CA TYR D 145 -9.70 13.86 7.42
C TYR D 145 -8.59 14.88 7.54
N HIS D 146 -8.39 15.44 8.73
CA HIS D 146 -7.38 16.46 8.94
C HIS D 146 -6.76 16.29 10.33
#